data_7ZUM
#
_entry.id   7ZUM
#
_cell.length_a   49.343
_cell.length_b   60.623
_cell.length_c   80.889
_cell.angle_alpha   90.000
_cell.angle_beta   90.000
_cell.angle_gamma   90.000
#
_symmetry.space_group_name_H-M   'P 21 21 21'
#
loop_
_entity.id
_entity.type
_entity.pdbx_description
1 polymer 'Serine protease subunit NS2B'
2 polymer 'Serine protease NS3'
3 non-polymer 1-[(5R,8R,15S,18S)-15-(4-azanylbutyl)-5-(cyclohexylmethyl)-18-(1H-indol-3-ylmethyl)-4,7,14,17,20-pentakis(oxidanylidene)-3,6,13,16,19-pentazabicyclo[20.3.1]hexacosa-1(25),22(26),23-trien-8-yl]guanidine
4 water water
#
loop_
_entity_poly.entity_id
_entity_poly.type
_entity_poly.pdbx_seq_one_letter_code
_entity_poly.pdbx_strand_id
1 'polypeptide(L)' MTGKSVDMYIERAGDITWEKDAEVTGNSPRLDVALDESGDFSLVEEDGPPMRE A
2 'polypeptide(L)'
;GSGALWDVPAPKEVKKGETTDGVYRVMTRRLLGSTQVGVGVMQEGVFHTMWHVTKGAALRSGEGRLDPYWGDVKQDLVSY
CGPWKLDAAWDGLSEVQLLAVPPGERAKNIQTLPGIFKTKDGDIGAVALDYPAGTSGSPILDKCGRVIGLYGNGVVIKNG
SYVSAITQGKREEETPVE
;
B
#
# COMPACT_ATOMS: atom_id res chain seq x y z
N VAL A 6 -20.05 4.44 -12.02
CA VAL A 6 -19.29 3.88 -10.90
C VAL A 6 -18.76 4.97 -9.96
N ASP A 7 -19.37 5.09 -8.80
CA ASP A 7 -18.98 6.06 -7.76
C ASP A 7 -17.78 5.51 -7.01
N MET A 8 -16.58 5.98 -7.32
CA MET A 8 -15.40 5.63 -6.54
C MET A 8 -15.07 6.79 -5.59
N TYR A 9 -14.98 6.49 -4.30
CA TYR A 9 -14.84 7.52 -3.29
C TYR A 9 -13.97 7.02 -2.14
N ILE A 10 -13.51 7.98 -1.35
CA ILE A 10 -12.64 7.68 -0.23
C ILE A 10 -13.30 8.09 1.07
N GLU A 11 -12.94 7.36 2.13
CA GLU A 11 -13.40 7.73 3.47
C GLU A 11 -12.26 7.47 4.46
N ARG A 12 -12.12 8.38 5.43
CA ARG A 12 -11.04 8.28 6.39
C ARG A 12 -11.17 7.00 7.22
N ALA A 13 -10.02 6.38 7.49
CA ALA A 13 -9.95 5.18 8.30
C ALA A 13 -9.06 5.29 9.53
N GLY A 14 -8.28 6.34 9.68
CA GLY A 14 -7.48 6.48 10.88
C GLY A 14 -6.32 7.43 10.70
N ASP A 15 -5.65 7.69 11.82
CA ASP A 15 -4.40 8.44 11.83
C ASP A 15 -3.24 7.48 11.53
N ILE A 16 -2.21 7.99 10.88
CA ILE A 16 -1.03 7.19 10.51
C ILE A 16 -0.01 7.35 11.63
N THR A 17 0.05 6.35 12.50
CA THR A 17 0.97 6.37 13.62
C THR A 17 1.54 4.97 13.81
N TRP A 18 2.69 4.95 14.46
CA TRP A 18 3.32 3.71 14.91
C TRP A 18 2.67 3.30 16.22
N GLU A 19 2.36 2.00 16.37
CA GLU A 19 1.75 1.49 17.60
C GLU A 19 2.84 0.95 18.52
N LYS A 20 2.93 1.52 19.72
CA LYS A 20 3.86 1.01 20.72
C LYS A 20 3.39 -0.34 21.23
N ASP A 21 4.33 -1.25 21.41
CA ASP A 21 4.02 -2.61 21.84
C ASP A 21 2.94 -3.22 20.95
N ALA A 22 3.34 -3.47 19.71
CA ALA A 22 2.47 -4.06 18.70
C ALA A 22 2.75 -5.54 18.57
N GLU A 23 1.86 -6.23 17.85
CA GLU A 23 2.08 -7.64 17.55
C GLU A 23 3.19 -7.77 16.52
N VAL A 24 4.27 -8.48 16.89
CA VAL A 24 5.39 -8.79 16.00
C VAL A 24 5.17 -10.17 15.41
N THR A 25 5.03 -10.25 14.09
CA THR A 25 4.70 -11.53 13.48
C THR A 25 5.19 -11.55 12.04
N GLY A 26 5.15 -12.73 11.46
CA GLY A 26 5.58 -12.96 10.10
C GLY A 26 7.04 -13.34 10.03
N ASN A 27 7.40 -13.99 8.92
CA ASN A 27 8.79 -14.34 8.66
C ASN A 27 9.40 -13.25 7.77
N SER A 28 10.61 -13.52 7.28
CA SER A 28 11.43 -12.52 6.58
C SER A 28 12.10 -13.21 5.42
N PRO A 29 11.33 -13.58 4.40
CA PRO A 29 11.87 -14.39 3.31
C PRO A 29 12.78 -13.59 2.39
N ARG A 30 13.83 -14.25 1.91
CA ARG A 30 14.72 -13.70 0.88
C ARG A 30 14.39 -14.43 -0.42
N LEU A 31 13.82 -13.71 -1.39
CA LEU A 31 13.23 -14.28 -2.60
C LEU A 31 13.81 -13.62 -3.84
N ASP A 32 14.22 -14.42 -4.81
CA ASP A 32 14.63 -13.89 -6.11
C ASP A 32 13.37 -13.68 -6.95
N VAL A 33 13.14 -12.44 -7.37
CA VAL A 33 11.92 -12.11 -8.10
C VAL A 33 12.24 -11.26 -9.32
N ALA A 34 11.34 -11.30 -10.29
CA ALA A 34 11.39 -10.44 -11.47
C ALA A 34 10.11 -9.62 -11.54
N LEU A 35 10.20 -8.48 -12.23
CA LEU A 35 9.10 -7.51 -12.32
C LEU A 35 8.91 -7.19 -13.79
N ASP A 36 7.70 -7.42 -14.30
CA ASP A 36 7.46 -7.16 -15.71
C ASP A 36 6.88 -5.76 -15.88
N GLU A 37 6.77 -5.34 -17.15
CA GLU A 37 6.34 -3.99 -17.48
C GLU A 37 4.91 -3.70 -17.05
N SER A 38 4.14 -4.73 -16.76
CA SER A 38 2.76 -4.58 -16.30
C SER A 38 2.66 -4.49 -14.79
N GLY A 39 3.80 -4.44 -14.10
CA GLY A 39 3.79 -4.35 -12.65
C GLY A 39 3.54 -5.65 -11.91
N ASP A 40 3.80 -6.81 -12.50
CA ASP A 40 3.59 -8.06 -11.80
C ASP A 40 4.93 -8.64 -11.40
N PHE A 41 5.09 -8.93 -10.12
CA PHE A 41 6.23 -9.73 -9.67
C PHE A 41 6.02 -11.21 -9.97
N SER A 42 7.11 -11.89 -10.26
CA SER A 42 7.12 -13.34 -10.43
C SER A 42 8.33 -13.91 -9.70
N LEU A 43 8.20 -15.15 -9.22
CA LEU A 43 9.33 -15.83 -8.63
C LEU A 43 10.26 -16.38 -9.70
N VAL A 44 11.55 -16.29 -9.44
CA VAL A 44 12.57 -16.86 -10.32
C VAL A 44 12.75 -18.32 -9.95
N GLU A 45 12.62 -19.20 -10.94
CA GLU A 45 12.63 -20.64 -10.70
C GLU A 45 13.95 -21.10 -10.10
N GLU B 18 -11.25 17.91 2.99
CA GLU B 18 -11.41 16.86 2.00
C GLU B 18 -10.07 16.20 1.67
N THR B 19 -8.99 16.80 2.16
CA THR B 19 -7.67 16.23 1.95
C THR B 19 -6.89 16.15 3.25
N THR B 20 -7.57 15.94 4.38
CA THR B 20 -6.87 15.93 5.66
C THR B 20 -5.96 14.70 5.72
N ASP B 21 -4.75 14.88 6.26
CA ASP B 21 -3.81 13.76 6.31
C ASP B 21 -4.42 12.56 7.01
N GLY B 22 -4.07 11.37 6.55
CA GLY B 22 -4.59 10.16 7.16
C GLY B 22 -4.58 9.02 6.18
N VAL B 23 -5.00 7.85 6.68
CA VAL B 23 -5.20 6.68 5.84
C VAL B 23 -6.69 6.56 5.54
N TYR B 24 -7.01 6.18 4.29
CA TYR B 24 -8.38 6.21 3.80
C TYR B 24 -8.71 4.89 3.15
N ARG B 25 -9.97 4.46 3.30
CA ARG B 25 -10.49 3.38 2.46
C ARG B 25 -10.88 3.92 1.09
N VAL B 26 -10.64 3.12 0.06
CA VAL B 26 -11.10 3.41 -1.29
C VAL B 26 -12.26 2.49 -1.60
N MET B 27 -13.44 3.08 -1.85
CA MET B 27 -14.69 2.37 -1.97
C MET B 27 -15.29 2.57 -3.36
N THR B 28 -16.15 1.64 -3.75
CA THR B 28 -16.99 1.78 -4.92
C THR B 28 -18.42 1.48 -4.52
N ARG B 29 -19.36 2.18 -5.13
CA ARG B 29 -20.77 1.94 -4.88
C ARG B 29 -21.48 1.88 -6.22
N ARG B 30 -22.40 0.92 -6.36
CA ARG B 30 -23.21 0.84 -7.56
C ARG B 30 -24.64 1.23 -7.22
N LEU B 31 -25.59 0.34 -7.50
CA LEU B 31 -26.98 0.58 -7.13
C LEU B 31 -27.32 -0.01 -5.77
N LEU B 32 -26.43 -0.77 -5.17
CA LEU B 32 -26.66 -1.38 -3.86
C LEU B 32 -25.62 -0.87 -2.88
N GLY B 33 -24.96 -1.78 -2.17
CA GLY B 33 -24.01 -1.40 -1.14
C GLY B 33 -22.67 -0.99 -1.73
N SER B 34 -21.73 -0.78 -0.82
CA SER B 34 -20.38 -0.39 -1.19
C SER B 34 -19.43 -1.56 -1.03
N THR B 35 -18.34 -1.50 -1.78
CA THR B 35 -17.25 -2.46 -1.68
C THR B 35 -15.96 -1.72 -1.45
N GLN B 36 -15.10 -2.25 -0.59
CA GLN B 36 -13.79 -1.66 -0.42
C GLN B 36 -12.80 -2.31 -1.38
N VAL B 37 -12.26 -1.52 -2.30
CA VAL B 37 -11.35 -2.02 -3.32
C VAL B 37 -9.91 -1.72 -2.94
N GLY B 38 -9.68 -0.79 -2.02
CA GLY B 38 -8.33 -0.48 -1.64
C GLY B 38 -8.25 0.49 -0.48
N VAL B 39 -7.04 1.03 -0.33
CA VAL B 39 -6.63 1.87 0.79
C VAL B 39 -5.64 2.87 0.21
N GLY B 40 -5.53 4.04 0.84
CA GLY B 40 -4.50 4.96 0.38
C GLY B 40 -4.13 5.93 1.49
N VAL B 41 -3.15 6.78 1.16
CA VAL B 41 -2.54 7.70 2.12
C VAL B 41 -2.71 9.13 1.62
N MET B 42 -3.26 9.99 2.46
CA MET B 42 -3.31 11.42 2.20
C MET B 42 -2.13 12.06 2.93
N GLN B 43 -1.27 12.73 2.19
CA GLN B 43 -0.14 13.45 2.80
C GLN B 43 0.21 14.64 1.91
N GLU B 44 0.32 15.80 2.54
CA GLU B 44 0.69 17.03 1.86
C GLU B 44 -0.26 17.35 0.71
N GLY B 45 -1.55 17.13 0.94
CA GLY B 45 -2.56 17.40 -0.07
C GLY B 45 -2.57 16.47 -1.26
N VAL B 46 -1.87 15.35 -1.19
CA VAL B 46 -1.83 14.36 -2.27
C VAL B 46 -2.32 13.03 -1.73
N PHE B 47 -3.14 12.34 -2.51
CA PHE B 47 -3.61 11.00 -2.19
C PHE B 47 -2.78 9.99 -2.96
N HIS B 48 -2.27 8.98 -2.24
CA HIS B 48 -1.34 7.99 -2.77
C HIS B 48 -1.99 6.63 -2.65
N THR B 49 -2.04 5.87 -3.75
CA THR B 49 -2.59 4.51 -3.68
C THR B 49 -1.94 3.67 -4.78
N MET B 50 -2.37 2.42 -4.88
CA MET B 50 -1.77 1.51 -5.86
C MET B 50 -2.59 1.59 -7.13
N TRP B 51 -1.92 1.57 -8.28
CA TRP B 51 -2.60 1.72 -9.55
C TRP B 51 -3.73 0.71 -9.71
N HIS B 52 -3.49 -0.56 -9.29
CA HIS B 52 -4.52 -1.58 -9.53
C HIS B 52 -5.76 -1.36 -8.68
N VAL B 53 -5.71 -0.44 -7.73
CA VAL B 53 -6.90 -0.11 -6.93
C VAL B 53 -7.85 0.77 -7.72
N THR B 54 -7.36 1.84 -8.34
CA THR B 54 -8.25 2.81 -8.97
C THR B 54 -8.17 2.84 -10.49
N LYS B 55 -7.07 2.37 -11.09
CA LYS B 55 -6.78 2.54 -12.51
C LYS B 55 -6.74 4.00 -12.91
N GLY B 56 -6.46 4.86 -11.95
CA GLY B 56 -6.39 6.26 -12.21
C GLY B 56 -7.74 6.94 -12.32
N ALA B 57 -8.81 6.23 -11.98
CA ALA B 57 -10.12 6.90 -11.95
C ALA B 57 -10.16 8.02 -10.90
N ALA B 58 -10.96 9.05 -11.19
CA ALA B 58 -11.13 10.14 -10.24
C ALA B 58 -11.79 9.62 -8.97
N LEU B 59 -11.45 10.25 -7.85
CA LEU B 59 -11.98 9.86 -6.54
C LEU B 59 -12.84 10.96 -5.96
N ARG B 60 -14.01 10.59 -5.48
CA ARG B 60 -14.84 11.52 -4.71
C ARG B 60 -14.35 11.56 -3.27
N SER B 61 -14.24 12.75 -2.72
CA SER B 61 -13.83 12.94 -1.33
C SER B 61 -14.80 13.94 -0.73
N GLY B 62 -15.69 13.47 0.12
CA GLY B 62 -16.71 14.37 0.65
C GLY B 62 -17.50 14.92 -0.52
N GLU B 63 -17.55 16.25 -0.64
CA GLU B 63 -18.24 16.93 -1.74
C GLU B 63 -17.34 17.14 -2.95
N GLY B 64 -16.02 16.95 -2.83
CA GLY B 64 -15.10 17.30 -3.88
C GLY B 64 -14.63 16.10 -4.70
N ARG B 65 -13.75 16.41 -5.67
CA ARG B 65 -13.21 15.42 -6.60
C ARG B 65 -11.69 15.51 -6.62
N LEU B 66 -11.03 14.35 -6.57
CA LEU B 66 -9.57 14.25 -6.65
C LEU B 66 -9.20 13.65 -8.00
N ASP B 67 -8.32 14.32 -8.74
CA ASP B 67 -7.99 13.88 -10.07
C ASP B 67 -6.61 13.24 -10.11
N PRO B 68 -6.40 12.25 -10.96
CA PRO B 68 -5.07 11.61 -11.06
C PRO B 68 -4.05 12.57 -11.64
N TYR B 69 -2.87 12.61 -11.01
CA TYR B 69 -1.78 13.52 -11.37
C TYR B 69 -0.60 12.78 -11.96
N TRP B 70 -0.31 11.60 -11.42
CA TRP B 70 0.88 10.83 -11.80
C TRP B 70 0.61 9.37 -11.55
N GLY B 71 1.28 8.52 -12.31
CA GLY B 71 1.15 7.10 -12.04
C GLY B 71 2.12 6.33 -12.91
N ASP B 72 2.21 5.04 -12.60
CA ASP B 72 3.15 4.16 -13.31
C ASP B 72 2.68 2.74 -13.03
N VAL B 73 2.18 2.06 -14.07
CA VAL B 73 1.63 0.72 -13.92
C VAL B 73 2.69 -0.24 -13.44
N LYS B 74 3.95 0.01 -13.79
CA LYS B 74 4.99 -0.97 -13.45
C LYS B 74 5.34 -0.90 -11.97
N GLN B 75 5.35 0.32 -11.41
CA GLN B 75 5.48 0.50 -9.98
C GLN B 75 4.18 0.19 -9.26
N ASP B 76 3.07 0.13 -10.02
CA ASP B 76 1.74 -0.14 -9.50
C ASP B 76 1.30 0.97 -8.54
N LEU B 77 1.61 2.22 -8.90
CA LEU B 77 1.32 3.37 -8.06
C LEU B 77 0.62 4.49 -8.84
N VAL B 78 -0.12 5.31 -8.09
CA VAL B 78 -0.77 6.48 -8.67
C VAL B 78 -0.95 7.50 -7.57
N SER B 79 -0.82 8.78 -7.91
CA SER B 79 -1.12 9.85 -6.96
C SER B 79 -2.16 10.77 -7.54
N TYR B 80 -2.87 11.46 -6.65
CA TYR B 80 -3.96 12.37 -6.97
C TYR B 80 -3.64 13.75 -6.41
N CYS B 81 -3.94 14.79 -7.20
CA CYS B 81 -3.86 16.17 -6.78
C CYS B 81 -2.46 16.77 -6.88
N GLY B 82 -1.44 15.92 -6.96
CA GLY B 82 -0.09 16.41 -7.04
C GLY B 82 0.88 15.26 -7.21
N PRO B 83 2.17 15.56 -7.20
CA PRO B 83 3.18 14.50 -7.37
C PRO B 83 3.32 13.63 -6.13
N TRP B 84 3.94 12.46 -6.32
CA TRP B 84 4.19 11.54 -5.21
C TRP B 84 5.01 12.22 -4.10
N LYS B 85 4.51 12.13 -2.86
CA LYS B 85 5.09 12.84 -1.73
C LYS B 85 5.84 11.95 -0.74
N LEU B 86 5.67 10.64 -0.82
CA LEU B 86 6.17 9.73 0.20
C LEU B 86 7.58 9.34 -0.21
N ASP B 87 8.56 9.73 0.59
CA ASP B 87 9.95 9.49 0.24
C ASP B 87 10.73 8.73 1.30
N ALA B 88 10.09 8.36 2.41
CA ALA B 88 10.78 7.60 3.46
C ALA B 88 11.17 6.23 2.94
N ALA B 89 12.34 5.75 3.31
CA ALA B 89 12.83 4.46 2.84
C ALA B 89 13.09 3.52 4.01
N TRP B 90 12.72 2.25 3.82
CA TRP B 90 13.11 1.23 4.79
C TRP B 90 14.62 1.20 4.89
N ASP B 91 15.14 1.12 6.12
CA ASP B 91 16.59 1.14 6.35
C ASP B 91 17.26 -0.20 6.08
N GLY B 92 16.55 -1.20 5.60
CA GLY B 92 17.13 -2.50 5.36
C GLY B 92 17.42 -3.28 6.61
N LEU B 93 17.11 -2.74 7.77
CA LEU B 93 17.55 -3.34 9.01
C LEU B 93 16.43 -3.51 10.03
N SER B 94 15.53 -2.55 10.15
CA SER B 94 14.62 -2.46 11.29
C SER B 94 13.27 -3.07 10.98
N GLU B 95 12.57 -3.42 12.05
CA GLU B 95 11.20 -3.85 11.88
C GLU B 95 10.32 -2.67 11.48
N VAL B 96 9.20 -3.00 10.86
CA VAL B 96 8.26 -2.03 10.31
C VAL B 96 6.87 -2.41 10.79
N GLN B 97 5.90 -1.52 10.52
CA GLN B 97 4.51 -1.81 10.83
C GLN B 97 3.67 -1.64 9.57
N LEU B 98 2.92 -2.69 9.25
CA LEU B 98 1.82 -2.57 8.31
C LEU B 98 0.63 -1.96 9.04
N LEU B 99 0.17 -0.81 8.57
CA LEU B 99 -1.08 -0.23 9.07
C LEU B 99 -2.19 -0.77 8.17
N ALA B 100 -2.64 -1.98 8.50
CA ALA B 100 -3.59 -2.68 7.64
C ALA B 100 -4.98 -2.12 7.83
N VAL B 101 -5.68 -1.91 6.72
CA VAL B 101 -7.05 -1.37 6.76
C VAL B 101 -7.87 -2.37 5.93
N PRO B 102 -8.18 -3.54 6.49
CA PRO B 102 -8.91 -4.53 5.71
C PRO B 102 -10.37 -4.16 5.59
N PRO B 103 -11.03 -4.58 4.51
CA PRO B 103 -12.45 -4.31 4.34
C PRO B 103 -13.23 -4.77 5.54
N GLY B 104 -14.08 -3.87 6.05
CA GLY B 104 -15.00 -4.18 7.12
C GLY B 104 -14.36 -4.35 8.46
N GLU B 105 -13.08 -4.02 8.61
CA GLU B 105 -12.34 -4.14 9.85
C GLU B 105 -11.64 -2.83 10.17
N ARG B 106 -11.49 -2.56 11.46
CA ARG B 106 -10.77 -1.38 11.93
C ARG B 106 -9.31 -1.44 11.52
N ALA B 107 -8.71 -0.26 11.33
CA ALA B 107 -7.27 -0.21 11.06
C ALA B 107 -6.49 -0.81 12.22
N LYS B 108 -5.48 -1.62 11.90
CA LYS B 108 -4.71 -2.35 12.89
C LYS B 108 -3.24 -2.30 12.49
N ASN B 109 -2.35 -2.11 13.46
CA ASN B 109 -0.92 -2.13 13.21
C ASN B 109 -0.36 -3.53 13.42
N ILE B 110 0.43 -4.01 12.47
CA ILE B 110 1.07 -5.32 12.52
C ILE B 110 2.55 -5.08 12.35
N GLN B 111 3.33 -5.43 13.35
CA GLN B 111 4.77 -5.24 13.30
C GLN B 111 5.43 -6.50 12.73
N THR B 112 6.49 -6.30 11.95
CA THR B 112 7.15 -7.43 11.28
C THR B 112 8.57 -7.04 10.87
N LEU B 113 9.44 -8.05 10.69
CA LEU B 113 10.75 -7.79 10.12
C LEU B 113 10.70 -8.10 8.64
N PRO B 114 10.88 -7.13 7.74
CA PRO B 114 10.76 -7.43 6.31
C PRO B 114 11.79 -8.45 5.85
N GLY B 115 11.35 -9.31 4.95
CA GLY B 115 12.24 -10.00 4.05
C GLY B 115 12.66 -9.07 2.92
N ILE B 116 13.11 -9.70 1.84
CA ILE B 116 13.68 -8.99 0.72
C ILE B 116 13.29 -9.68 -0.59
N PHE B 117 12.81 -8.89 -1.54
CA PHE B 117 12.78 -9.25 -2.95
C PHE B 117 14.12 -8.91 -3.58
N LYS B 118 14.84 -9.93 -4.07
CA LYS B 118 16.09 -9.69 -4.80
C LYS B 118 15.78 -9.65 -6.30
N THR B 119 16.01 -8.51 -6.92
CA THR B 119 15.71 -8.32 -8.34
C THR B 119 17.00 -7.91 -9.05
N LYS B 120 16.95 -7.94 -10.38
CA LYS B 120 18.11 -7.50 -11.16
C LYS B 120 18.40 -6.02 -10.95
N ASP B 121 17.42 -5.26 -10.47
CA ASP B 121 17.53 -3.82 -10.31
C ASP B 121 17.53 -3.41 -8.84
N GLY B 122 18.12 -4.24 -7.99
CA GLY B 122 18.29 -3.93 -6.59
C GLY B 122 17.29 -4.65 -5.71
N ASP B 123 17.55 -4.57 -4.41
CA ASP B 123 16.73 -5.27 -3.42
C ASP B 123 15.58 -4.38 -2.97
N ILE B 124 14.41 -5.00 -2.77
CA ILE B 124 13.22 -4.34 -2.24
C ILE B 124 12.78 -5.08 -0.98
N GLY B 125 12.63 -4.34 0.11
CA GLY B 125 12.04 -4.92 1.30
C GLY B 125 10.67 -5.52 0.99
N ALA B 126 10.28 -6.54 1.76
CA ALA B 126 9.03 -7.22 1.46
C ALA B 126 8.47 -7.86 2.72
N VAL B 127 7.15 -7.82 2.86
CA VAL B 127 6.52 -8.24 4.11
C VAL B 127 5.65 -9.47 3.89
N ALA B 128 5.81 -10.44 4.76
CA ALA B 128 5.12 -11.72 4.64
C ALA B 128 3.86 -11.70 5.50
N LEU B 129 2.90 -10.91 5.02
CA LEU B 129 1.63 -10.71 5.68
C LEU B 129 0.54 -10.86 4.64
N ASP B 130 -0.56 -11.53 5.02
CA ASP B 130 -1.61 -11.90 4.08
C ASP B 130 -2.93 -11.24 4.49
N TYR B 131 -3.48 -10.46 3.59
CA TYR B 131 -4.75 -9.77 3.81
C TYR B 131 -5.59 -9.83 2.54
N PRO B 132 -6.89 -9.52 2.65
CA PRO B 132 -7.76 -9.52 1.49
C PRO B 132 -7.32 -8.49 0.46
N ALA B 133 -7.73 -8.75 -0.79
CA ALA B 133 -7.40 -7.89 -1.92
C ALA B 133 -7.68 -6.41 -1.62
N GLY B 134 -8.81 -6.12 -1.02
CA GLY B 134 -9.14 -4.71 -0.75
C GLY B 134 -8.33 -4.03 0.30
N THR B 135 -7.35 -4.73 0.88
CA THR B 135 -6.37 -4.10 1.76
C THR B 135 -5.23 -3.44 0.99
N SER B 136 -5.21 -3.64 -0.33
CA SER B 136 -4.22 -3.00 -1.18
C SER B 136 -4.16 -1.50 -0.96
N GLY B 137 -2.91 -1.01 -0.84
CA GLY B 137 -2.61 0.38 -0.62
C GLY B 137 -2.41 0.74 0.84
N SER B 138 -2.57 -0.21 1.75
CA SER B 138 -2.33 0.04 3.16
C SER B 138 -0.87 0.44 3.35
N PRO B 139 -0.60 1.44 4.17
CA PRO B 139 0.77 1.94 4.28
C PRO B 139 1.59 1.13 5.23
N ILE B 140 2.89 1.08 4.92
CA ILE B 140 3.89 0.44 5.74
C ILE B 140 4.74 1.53 6.39
N LEU B 141 4.94 1.43 7.71
CA LEU B 141 5.53 2.51 8.48
C LEU B 141 6.89 2.13 9.06
N ASP B 142 7.74 3.14 9.21
CA ASP B 142 8.92 2.99 10.07
C ASP B 142 8.60 3.51 11.47
N LYS B 143 9.61 3.44 12.34
CA LYS B 143 9.40 3.70 13.76
C LYS B 143 9.00 5.14 14.03
N CYS B 144 9.40 6.06 13.15
CA CYS B 144 8.97 7.45 13.26
C CYS B 144 7.58 7.68 12.67
N GLY B 145 6.88 6.64 12.22
CA GLY B 145 5.56 6.79 11.62
C GLY B 145 5.54 7.25 10.18
N ARG B 146 6.70 7.36 9.54
CA ARG B 146 6.76 7.76 8.13
C ARG B 146 6.37 6.56 7.26
N VAL B 147 5.76 6.86 6.11
CA VAL B 147 5.30 5.81 5.21
C VAL B 147 6.45 5.47 4.28
N ILE B 148 6.99 4.25 4.44
CA ILE B 148 8.10 3.77 3.62
C ILE B 148 7.64 2.99 2.40
N GLY B 149 6.34 2.85 2.20
CA GLY B 149 5.81 2.17 1.04
C GLY B 149 4.38 1.74 1.29
N LEU B 150 3.79 1.19 0.24
CA LEU B 150 2.42 0.68 0.30
C LEU B 150 2.40 -0.83 0.08
N TYR B 151 1.47 -1.49 0.77
CA TYR B 151 1.27 -2.92 0.69
C TYR B 151 0.36 -3.34 -0.44
N GLY B 152 0.70 -4.44 -1.08
CA GLY B 152 -0.31 -5.04 -1.96
C GLY B 152 0.12 -5.48 -3.36
N ASN B 153 1.39 -5.33 -3.69
CA ASN B 153 1.90 -5.86 -4.94
C ASN B 153 3.01 -6.83 -4.58
N GLY B 154 2.82 -8.10 -4.91
CA GLY B 154 3.70 -9.12 -4.36
C GLY B 154 3.61 -10.44 -5.10
N VAL B 155 3.96 -11.50 -4.36
CA VAL B 155 4.01 -12.85 -4.91
C VAL B 155 3.37 -13.83 -3.94
N VAL B 156 2.94 -14.97 -4.50
CA VAL B 156 2.45 -16.12 -3.77
C VAL B 156 3.54 -17.18 -3.83
N ILE B 157 3.91 -17.71 -2.68
CA ILE B 157 4.95 -18.74 -2.65
C ILE B 157 4.32 -20.13 -2.58
N LYS B 158 5.17 -21.15 -2.49
CA LYS B 158 4.73 -22.52 -2.69
C LYS B 158 3.66 -22.95 -1.69
N ASN B 159 3.71 -22.47 -0.46
CA ASN B 159 2.74 -22.93 0.53
C ASN B 159 1.46 -22.13 0.45
N GLY B 160 1.39 -21.20 -0.49
CA GLY B 160 0.21 -20.42 -0.73
C GLY B 160 0.18 -19.10 -0.01
N SER B 161 1.11 -18.84 0.90
CA SER B 161 1.08 -17.56 1.57
C SER B 161 1.63 -16.47 0.64
N TYR B 162 1.57 -15.25 1.14
CA TYR B 162 1.79 -14.05 0.35
C TYR B 162 2.99 -13.27 0.87
N VAL B 163 3.69 -12.61 -0.05
CA VAL B 163 4.74 -11.68 0.29
C VAL B 163 4.54 -10.44 -0.56
N SER B 164 4.37 -9.30 0.09
CA SER B 164 4.18 -8.01 -0.56
C SER B 164 5.49 -7.25 -0.60
N ALA B 165 5.80 -6.68 -1.76
CA ALA B 165 6.82 -5.67 -1.81
C ALA B 165 6.42 -4.50 -0.93
N ILE B 166 7.42 -3.85 -0.36
CA ILE B 166 7.24 -2.52 0.23
C ILE B 166 7.41 -1.55 -0.94
N THR B 167 6.31 -1.23 -1.61
CA THR B 167 6.37 -0.44 -2.83
C THR B 167 6.41 1.04 -2.51
N GLN B 168 7.48 1.75 -2.94
CA GLN B 168 7.63 3.18 -2.71
C GLN B 168 7.91 3.89 -4.02
N GLY B 169 7.30 5.06 -4.20
CA GLY B 169 7.50 5.83 -5.41
C GLY B 169 8.69 6.77 -5.31
N LYS B 170 8.93 7.49 -6.41
CA LYS B 170 9.98 8.50 -6.48
C LYS B 170 9.37 9.88 -6.28
N ARG B 171 9.97 10.66 -5.37
CA ARG B 171 9.59 12.05 -5.15
C ARG B 171 10.65 12.99 -5.75
#